data_4PVG
#
_entry.id   4PVG
#
_cell.length_a   40.031
_cell.length_b   40.921
_cell.length_c   48.934
_cell.angle_alpha   94.58
_cell.angle_beta   109.19
_cell.angle_gamma   109.95
#
_symmetry.space_group_name_H-M   'P 1'
#
loop_
_entity.id
_entity.type
_entity.pdbx_description
1 polymer 'Tyrosine-protein phosphatase non-receptor type 11'
2 non-polymer '2-[3-({4-[(1,3-benzodioxol-5-ylmethyl)amino]-4-oxobutanoyl}amino)phenyl]-6-hydroxy-3-iodo-1-methyl-1H-indole-5-carboxylic acid'
3 water water
#
_entity_poly.entity_id   1
_entity_poly.type   'polypeptide(L)'
_entity_poly.pdbx_seq_one_letter_code
;MTDKVKQGFWEEFETLQQQECKLLYSRKEGQRQENKNKNRYKNILPFDHTRVVLHDGDPNEPVSDYINANIIMPEFETKC
NNSKPKKSYIATQGCLQNTVNDFWRMVFQENSRVIVMTTKEVERGKSKCVKYWPDEYALKEYGVMRVRNVKESAAHDYTL
RELKLSKVGQGNTERTVWQYHFRTWPDHGVPSDPGGVLDFLEEVHHKQESIMDAGPVVVHCSAGIGRTGTFIVIDILIDI
IREKGVDCDIDVPKTIQMVRSQRSGMVQTEAQYRFIYMAVQHYIETLQRRLEHHHHHH
;
_entity_poly.pdbx_strand_id   A
#
loop_
_chem_comp.id
_chem_comp.type
_chem_comp.name
_chem_comp.formula
2WT non-polymer '2-[3-({4-[(1,3-benzodioxol-5-ylmethyl)amino]-4-oxobutanoyl}amino)phenyl]-6-hydroxy-3-iodo-1-methyl-1H-indole-5-carboxylic acid' 'C28 H24 I N3 O7'
#
# COMPACT_ATOMS: atom_id res chain seq x y z
N PHE A 13 -9.20 -21.21 2.17
CA PHE A 13 -8.87 -20.13 1.19
C PHE A 13 -9.80 -20.23 -0.01
N GLU A 14 -10.13 -21.45 -0.39
CA GLU A 14 -11.01 -21.70 -1.54
C GLU A 14 -12.47 -21.34 -1.27
N THR A 15 -12.88 -21.42 -0.01
CA THR A 15 -14.24 -21.09 0.36
C THR A 15 -14.48 -19.59 0.15
N LEU A 16 -13.39 -18.83 -0.03
CA LEU A 16 -13.48 -17.38 -0.25
C LEU A 16 -13.19 -17.01 -1.70
N GLN A 17 -12.35 -17.80 -2.36
CA GLN A 17 -12.04 -17.52 -3.75
C GLN A 17 -13.31 -17.69 -4.55
N GLN A 18 -14.15 -18.60 -4.07
CA GLN A 18 -15.42 -18.85 -4.70
C GLN A 18 -16.35 -17.70 -4.36
N GLN A 19 -16.35 -17.32 -3.07
CA GLN A 19 -17.17 -16.21 -2.58
C GLN A 19 -17.00 -14.93 -3.42
N GLU A 20 -16.14 -15.01 -4.42
CA GLU A 20 -15.89 -13.88 -5.32
C GLU A 20 -16.17 -14.24 -6.76
N CYS A 21 -16.92 -15.33 -6.96
CA CYS A 21 -17.29 -15.76 -8.31
C CYS A 21 -18.07 -14.63 -8.96
N LYS A 22 -18.63 -13.76 -8.11
CA LYS A 22 -19.39 -12.60 -8.54
C LYS A 22 -19.04 -11.48 -7.57
N LEU A 23 -19.04 -10.25 -8.05
CA LEU A 23 -18.70 -9.13 -7.19
C LEU A 23 -19.92 -8.31 -6.78
N LEU A 24 -20.04 -8.13 -5.47
CA LEU A 24 -21.14 -7.39 -4.87
C LEU A 24 -21.05 -5.86 -5.02
N TYR A 25 -19.97 -5.36 -5.64
CA TYR A 25 -19.81 -3.91 -5.80
C TYR A 25 -19.42 -3.45 -7.19
N SER A 26 -19.65 -2.16 -7.45
CA SER A 26 -19.35 -1.57 -8.77
C SER A 26 -17.96 -0.98 -8.94
N ARG A 27 -17.38 -1.19 -10.11
CA ARG A 27 -16.06 -0.69 -10.46
C ARG A 27 -16.22 -0.12 -11.85
N LYS A 28 -17.08 0.89 -11.97
CA LYS A 28 -17.36 1.52 -13.27
C LYS A 28 -16.32 2.55 -13.73
N GLU A 29 -15.69 3.24 -12.77
CA GLU A 29 -14.68 4.25 -13.09
C GLU A 29 -13.46 3.70 -13.82
N GLY A 30 -12.82 2.71 -13.21
CA GLY A 30 -11.63 2.11 -13.79
C GLY A 30 -11.71 1.72 -15.25
N GLN A 31 -12.93 1.47 -15.72
CA GLN A 31 -13.14 1.05 -17.10
C GLN A 31 -13.24 2.19 -18.10
N ARG A 32 -13.58 3.39 -17.62
CA ARG A 32 -13.68 4.53 -18.51
C ARG A 32 -12.46 4.53 -19.43
N GLN A 33 -12.68 4.80 -20.71
CA GLN A 33 -11.59 4.81 -21.68
C GLN A 33 -10.32 5.51 -21.20
N GLU A 34 -10.50 6.75 -20.70
CA GLU A 34 -9.40 7.57 -20.21
C GLU A 34 -8.60 6.94 -19.07
N ASN A 35 -9.25 6.11 -18.26
CA ASN A 35 -8.57 5.46 -17.14
C ASN A 35 -8.05 4.09 -17.59
N LYS A 36 -8.16 3.80 -18.88
CA LYS A 36 -7.72 2.51 -19.41
C LYS A 36 -6.24 2.26 -19.17
N ASN A 37 -5.39 3.22 -19.56
CA ASN A 37 -3.95 3.04 -19.36
C ASN A 37 -3.43 3.58 -18.03
N LYS A 38 -4.34 3.76 -17.06
CA LYS A 38 -3.96 4.22 -15.73
C LYS A 38 -3.98 3.03 -14.76
N ASN A 39 -4.09 1.82 -15.31
CA ASN A 39 -4.12 0.59 -14.51
C ASN A 39 -3.07 -0.34 -15.09
N ARG A 40 -2.45 -1.17 -14.24
CA ARG A 40 -1.43 -2.11 -14.70
C ARG A 40 -2.07 -3.39 -15.23
N TYR A 41 -3.21 -3.75 -14.65
CA TYR A 41 -3.94 -4.93 -15.06
C TYR A 41 -5.40 -4.56 -15.30
N LYS A 42 -5.85 -4.76 -16.53
CA LYS A 42 -7.21 -4.42 -16.92
C LYS A 42 -8.29 -5.03 -16.02
N ASN A 43 -8.05 -6.25 -15.54
CA ASN A 43 -9.03 -6.91 -14.69
C ASN A 43 -9.04 -6.48 -13.23
N ILE A 44 -7.93 -5.97 -12.74
CA ILE A 44 -7.89 -5.54 -11.34
C ILE A 44 -8.28 -4.07 -11.21
N LEU A 45 -9.44 -3.81 -10.60
CA LEU A 45 -9.92 -2.45 -10.43
C LEU A 45 -10.44 -2.16 -9.03
N PRO A 46 -10.67 -0.88 -8.71
CA PRO A 46 -11.17 -0.45 -7.40
C PRO A 46 -12.67 -0.13 -7.33
N PHE A 47 -13.35 -0.63 -6.29
CA PHE A 47 -14.79 -0.37 -6.12
C PHE A 47 -15.03 1.13 -6.00
N ASP A 48 -15.93 1.66 -6.81
CA ASP A 48 -16.22 3.09 -6.82
C ASP A 48 -16.48 3.74 -5.47
N HIS A 49 -17.04 2.98 -4.53
CA HIS A 49 -17.36 3.53 -3.23
C HIS A 49 -16.19 3.68 -2.25
N THR A 50 -15.06 3.03 -2.53
CA THR A 50 -13.91 3.12 -1.64
C THR A 50 -12.71 3.78 -2.31
N ARG A 51 -12.63 3.61 -3.63
CA ARG A 51 -11.55 4.17 -4.43
C ARG A 51 -11.14 5.58 -4.01
N VAL A 52 -9.84 5.87 -4.12
CA VAL A 52 -9.35 7.18 -3.76
C VAL A 52 -9.64 8.11 -4.94
N VAL A 53 -10.32 9.22 -4.65
CA VAL A 53 -10.67 10.20 -5.67
C VAL A 53 -9.61 11.29 -5.63
N LEU A 54 -9.10 11.68 -6.79
CA LEU A 54 -8.08 12.72 -6.84
C LEU A 54 -8.62 14.09 -7.24
N HIS A 55 -8.54 15.04 -6.32
CA HIS A 55 -8.96 16.40 -6.57
C HIS A 55 -7.81 17.26 -7.10
N ASP A 56 -8.18 18.41 -7.64
CA ASP A 56 -7.24 19.43 -8.07
C ASP A 56 -6.18 18.96 -9.07
N GLY A 57 -6.60 18.48 -10.23
CA GLY A 57 -5.70 18.02 -11.26
C GLY A 57 -5.57 18.97 -12.44
N ASP A 58 -4.65 18.64 -13.35
CA ASP A 58 -4.45 19.49 -14.51
C ASP A 58 -5.80 19.75 -15.12
N PRO A 59 -6.32 20.96 -15.14
CA PRO A 59 -7.60 21.25 -15.78
C PRO A 59 -7.59 21.03 -17.30
N ASN A 60 -6.44 20.65 -17.83
CA ASN A 60 -6.28 20.38 -19.25
C ASN A 60 -6.57 18.91 -19.52
N GLU A 61 -6.68 18.15 -18.42
CA GLU A 61 -6.97 16.71 -18.48
C GLU A 61 -8.44 16.44 -18.16
N PRO A 62 -9.12 15.65 -19.02
CA PRO A 62 -10.54 15.32 -18.85
C PRO A 62 -10.75 14.65 -17.49
N VAL A 63 -10.12 13.49 -17.32
CA VAL A 63 -10.21 12.74 -16.07
C VAL A 63 -8.85 12.74 -15.39
N SER A 64 -8.74 13.45 -14.27
CA SER A 64 -7.51 13.52 -13.52
C SER A 64 -7.79 13.07 -12.07
N ASP A 65 -9.01 12.62 -11.83
CA ASP A 65 -9.44 12.18 -10.50
C ASP A 65 -9.24 10.69 -10.22
N TYR A 66 -8.89 9.92 -11.24
CA TYR A 66 -8.70 8.49 -11.04
C TYR A 66 -7.28 8.01 -10.75
N ILE A 67 -7.21 7.07 -9.82
CA ILE A 67 -5.97 6.43 -9.44
C ILE A 67 -6.45 5.08 -8.95
N ASN A 68 -5.76 4.01 -9.37
CA ASN A 68 -6.14 2.66 -8.97
C ASN A 68 -5.76 2.37 -7.53
N ALA A 69 -6.57 2.84 -6.59
CA ALA A 69 -6.31 2.61 -5.17
C ALA A 69 -7.60 2.63 -4.33
N ASN A 70 -7.54 2.03 -3.15
CA ASN A 70 -8.69 1.97 -2.27
C ASN A 70 -8.39 2.20 -0.79
N ILE A 71 -9.15 3.08 -0.16
CA ILE A 71 -8.96 3.33 1.26
C ILE A 71 -9.40 2.04 1.93
N ILE A 72 -8.60 1.53 2.86
CA ILE A 72 -8.92 0.32 3.60
C ILE A 72 -8.96 0.66 5.08
N MET A 73 -10.15 0.65 5.68
CA MET A 73 -10.29 0.96 7.10
C MET A 73 -11.00 -0.16 7.85
N PRO A 74 -10.30 -0.79 8.83
CA PRO A 74 -10.83 -1.88 9.65
C PRO A 74 -12.23 -1.58 10.20
N GLU A 75 -13.11 -2.57 10.09
CA GLU A 75 -14.50 -2.42 10.55
C GLU A 75 -14.90 -3.58 11.45
N LYS A 87 -6.21 2.94 12.59
CA LYS A 87 -5.19 3.12 11.55
C LYS A 87 -5.65 2.61 10.20
N SER A 88 -5.95 3.53 9.27
CA SER A 88 -6.37 3.12 7.93
C SER A 88 -5.21 2.93 6.98
N TYR A 89 -5.47 2.30 5.86
CA TYR A 89 -4.43 2.02 4.89
C TYR A 89 -4.91 2.45 3.53
N ILE A 90 -4.02 2.43 2.56
CA ILE A 90 -4.43 2.75 1.21
C ILE A 90 -3.71 1.73 0.37
N ALA A 91 -4.47 0.85 -0.28
CA ALA A 91 -3.86 -0.17 -1.12
C ALA A 91 -4.01 0.29 -2.56
N THR A 92 -2.93 0.20 -3.31
CA THR A 92 -2.92 0.60 -4.71
C THR A 92 -1.82 -0.12 -5.46
N GLN A 93 -1.74 0.10 -6.76
CA GLN A 93 -0.73 -0.56 -7.58
C GLN A 93 0.61 0.15 -7.53
N GLY A 94 1.63 -0.51 -8.05
CA GLY A 94 2.95 0.10 -8.09
C GLY A 94 2.81 1.17 -9.15
N CYS A 95 3.56 2.27 -9.01
CA CYS A 95 3.48 3.37 -9.97
C CYS A 95 3.78 2.95 -11.41
N LEU A 96 3.19 3.69 -12.33
CA LEU A 96 3.38 3.49 -13.76
C LEU A 96 4.06 4.76 -14.19
N GLN A 97 4.85 4.70 -15.25
CA GLN A 97 5.55 5.90 -15.72
C GLN A 97 4.59 7.08 -15.82
N ASN A 98 3.35 6.81 -16.19
CA ASN A 98 2.34 7.87 -16.35
C ASN A 98 1.45 8.14 -15.14
N THR A 99 1.70 7.45 -14.04
CA THR A 99 0.88 7.62 -12.84
C THR A 99 1.63 8.19 -11.63
N VAL A 100 2.95 8.35 -11.78
CA VAL A 100 3.81 8.88 -10.72
C VAL A 100 3.33 10.20 -10.12
N ASN A 101 2.78 11.09 -10.96
CA ASN A 101 2.30 12.37 -10.44
C ASN A 101 0.95 12.21 -9.76
N ASP A 102 0.10 11.33 -10.28
CA ASP A 102 -1.21 11.09 -9.68
C ASP A 102 -1.00 10.44 -8.32
N PHE A 103 0.11 9.72 -8.20
CA PHE A 103 0.46 9.04 -6.97
C PHE A 103 0.81 9.98 -5.83
N TRP A 104 1.61 11.01 -6.11
CA TRP A 104 2.00 11.96 -5.08
C TRP A 104 0.86 12.89 -4.74
N ARG A 105 -0.01 13.10 -5.71
CA ARG A 105 -1.17 13.94 -5.48
C ARG A 105 -2.05 13.24 -4.44
N MET A 106 -2.09 11.92 -4.51
CA MET A 106 -2.86 11.10 -3.57
C MET A 106 -2.24 11.19 -2.19
N VAL A 107 -0.95 10.93 -2.13
CA VAL A 107 -0.16 11.00 -0.90
C VAL A 107 -0.43 12.31 -0.18
N PHE A 108 -0.22 13.41 -0.91
CA PHE A 108 -0.40 14.75 -0.39
C PHE A 108 -1.85 14.97 0.02
N GLN A 109 -2.76 14.78 -0.91
CA GLN A 109 -4.19 14.97 -0.65
C GLN A 109 -4.68 14.18 0.57
N GLU A 110 -4.18 12.95 0.72
CA GLU A 110 -4.57 12.08 1.82
C GLU A 110 -3.84 12.32 3.13
N ASN A 111 -2.75 13.09 3.06
CA ASN A 111 -1.94 13.41 4.24
C ASN A 111 -1.21 12.20 4.80
N SER A 112 -0.83 11.28 3.92
CA SER A 112 -0.10 10.10 4.36
C SER A 112 1.32 10.49 4.75
N ARG A 113 1.87 9.83 5.76
CA ARG A 113 3.23 10.11 6.21
C ARG A 113 4.14 8.90 6.08
N VAL A 114 3.53 7.73 5.91
CA VAL A 114 4.29 6.50 5.79
C VAL A 114 3.91 5.78 4.50
N ILE A 115 4.91 5.19 3.86
CA ILE A 115 4.74 4.48 2.60
C ILE A 115 5.38 3.11 2.67
N VAL A 116 4.63 2.06 2.33
CA VAL A 116 5.19 0.73 2.38
C VAL A 116 5.34 0.01 1.05
N MET A 117 6.54 0.12 0.49
CA MET A 117 6.91 -0.50 -0.77
C MET A 117 7.18 -1.96 -0.44
N THR A 118 6.46 -2.89 -1.07
CA THR A 118 6.66 -4.30 -0.77
C THR A 118 7.22 -5.03 -1.97
N THR A 119 7.32 -4.34 -3.09
CA THR A 119 7.90 -4.94 -4.28
C THR A 119 9.23 -4.26 -4.63
N LYS A 120 10.06 -4.97 -5.38
CA LYS A 120 11.32 -4.42 -5.85
C LYS A 120 10.85 -3.57 -7.05
N GLU A 121 11.77 -2.93 -7.76
CA GLU A 121 11.36 -2.11 -8.90
C GLU A 121 11.18 -2.94 -10.14
N VAL A 122 11.71 -4.16 -10.08
CA VAL A 122 11.61 -5.12 -11.17
C VAL A 122 11.87 -6.51 -10.60
N GLU A 123 10.83 -7.34 -10.55
CA GLU A 123 10.99 -8.70 -10.08
C GLU A 123 10.97 -9.61 -11.30
N ARG A 124 11.62 -10.72 -11.26
CA ARG A 124 11.59 -11.76 -12.26
C ARG A 124 11.72 -11.20 -13.67
N GLY A 125 12.49 -10.10 -13.70
CA GLY A 125 12.75 -9.44 -14.98
C GLY A 125 11.70 -8.45 -15.45
N LYS A 126 10.63 -8.27 -14.72
CA LYS A 126 9.55 -7.39 -15.13
C LYS A 126 9.36 -6.23 -14.19
N SER A 127 8.85 -5.13 -14.73
CA SER A 127 8.60 -3.93 -13.95
C SER A 127 7.39 -4.07 -13.04
N LYS A 128 7.65 -4.12 -11.74
CA LYS A 128 6.56 -4.22 -10.76
C LYS A 128 6.20 -2.79 -10.37
N CYS A 129 7.20 -1.92 -10.33
CA CYS A 129 6.97 -0.53 -9.96
C CYS A 129 8.02 0.38 -10.58
N VAL A 130 7.59 1.59 -10.91
CA VAL A 130 8.44 2.62 -11.49
C VAL A 130 8.95 3.49 -10.34
N LYS A 131 10.22 3.90 -10.42
CA LYS A 131 10.83 4.75 -9.40
C LYS A 131 10.10 6.10 -9.36
N TYR A 132 9.64 6.49 -8.17
CA TYR A 132 8.90 7.73 -8.03
C TYR A 132 9.43 8.58 -6.87
N TRP A 133 10.54 8.13 -6.30
CA TRP A 133 11.19 8.84 -5.21
C TRP A 133 12.58 9.17 -5.73
N PRO A 134 13.08 10.39 -5.46
CA PRO A 134 14.40 10.86 -5.90
C PRO A 134 15.54 10.30 -5.07
N ASP A 135 16.72 10.22 -5.69
CA ASP A 135 17.95 9.72 -5.06
C ASP A 135 18.35 10.51 -3.80
N GLU A 136 19.10 9.85 -2.91
CA GLU A 136 19.52 10.49 -1.68
C GLU A 136 20.09 11.89 -1.91
N TYR A 137 19.67 12.83 -1.05
CA TYR A 137 20.11 14.23 -1.12
C TYR A 137 19.52 14.96 -2.33
N ALA A 138 19.02 14.20 -3.29
CA ALA A 138 18.42 14.77 -4.51
C ALA A 138 16.99 15.28 -4.27
N LEU A 139 16.39 15.84 -5.32
CA LEU A 139 15.04 16.37 -5.23
C LEU A 139 14.41 16.50 -6.61
N LYS A 140 13.24 15.88 -6.78
CA LYS A 140 12.54 15.95 -8.06
C LYS A 140 11.20 16.63 -7.93
N GLU A 141 10.57 16.86 -9.07
CA GLU A 141 9.27 17.49 -9.12
C GLU A 141 8.35 16.60 -9.95
N TYR A 142 7.15 16.38 -9.43
CA TYR A 142 6.14 15.54 -10.08
C TYR A 142 4.88 16.37 -10.15
N GLY A 143 4.63 16.96 -11.32
CA GLY A 143 3.46 17.79 -11.47
C GLY A 143 3.65 18.96 -10.54
N VAL A 144 2.69 19.22 -9.66
CA VAL A 144 2.83 20.33 -8.74
C VAL A 144 3.45 19.89 -7.42
N MET A 145 3.96 18.66 -7.36
CA MET A 145 4.57 18.14 -6.14
C MET A 145 6.09 18.05 -6.19
N ARG A 146 6.73 18.32 -5.07
CA ARG A 146 8.18 18.26 -4.99
C ARG A 146 8.55 17.30 -3.87
N VAL A 147 9.59 16.50 -4.10
CA VAL A 147 10.03 15.54 -3.11
C VAL A 147 11.54 15.62 -2.89
N ARG A 148 11.95 15.80 -1.63
CA ARG A 148 13.35 15.89 -1.25
C ARG A 148 13.84 14.71 -0.38
N ASN A 149 14.56 13.78 -0.98
CA ASN A 149 15.10 12.66 -0.21
C ASN A 149 16.19 13.27 0.66
N VAL A 150 15.92 13.45 1.95
CA VAL A 150 16.90 14.05 2.84
C VAL A 150 17.88 13.05 3.48
N LYS A 151 17.59 11.75 3.37
CA LYS A 151 18.48 10.75 3.96
C LYS A 151 17.99 9.31 3.82
N GLU A 152 18.77 8.51 3.11
CA GLU A 152 18.43 7.11 2.95
C GLU A 152 19.26 6.27 3.91
N SER A 153 18.54 5.52 4.73
CA SER A 153 19.16 4.61 5.69
C SER A 153 18.73 3.24 5.19
N ALA A 154 19.61 2.28 5.32
CA ALA A 154 19.27 0.94 4.84
C ALA A 154 19.63 -0.21 5.77
N ALA A 155 18.63 -0.71 6.50
CA ALA A 155 18.79 -1.82 7.43
C ALA A 155 18.83 -3.13 6.65
N HIS A 156 18.57 -4.25 7.30
CA HIS A 156 18.63 -5.55 6.63
C HIS A 156 17.47 -5.89 5.67
N ASP A 157 16.27 -6.04 6.21
CA ASP A 157 15.12 -6.39 5.39
C ASP A 157 14.55 -5.23 4.56
N TYR A 158 14.94 -4.00 4.89
CA TYR A 158 14.41 -2.84 4.18
C TYR A 158 15.30 -1.60 4.25
N THR A 159 14.90 -0.58 3.48
CA THR A 159 15.58 0.70 3.41
C THR A 159 14.57 1.79 3.76
N LEU A 160 14.91 2.63 4.74
CA LEU A 160 14.06 3.73 5.17
C LEU A 160 14.51 5.03 4.53
N ARG A 161 13.64 5.65 3.74
CA ARG A 161 13.98 6.91 3.09
C ARG A 161 13.12 8.03 3.65
N GLU A 162 13.76 9.09 4.18
CA GLU A 162 13.04 10.24 4.72
C GLU A 162 12.82 11.22 3.58
N LEU A 163 11.56 11.44 3.20
CA LEU A 163 11.27 12.33 2.09
C LEU A 163 10.50 13.57 2.50
N LYS A 164 10.72 14.67 1.79
CA LYS A 164 10.01 15.91 2.09
C LYS A 164 9.14 16.18 0.88
N LEU A 165 7.83 16.10 1.10
CA LEU A 165 6.86 16.32 0.04
C LEU A 165 6.24 17.67 0.24
N SER A 166 5.86 18.31 -0.86
CA SER A 166 5.25 19.63 -0.79
C SER A 166 4.81 20.06 -2.19
N LYS A 167 3.77 20.87 -2.24
CA LYS A 167 3.29 21.33 -3.52
C LYS A 167 4.07 22.57 -3.92
N VAL A 168 4.62 22.57 -5.13
CA VAL A 168 5.37 23.72 -5.61
C VAL A 168 4.51 24.96 -5.59
N GLY A 169 5.12 26.11 -5.33
CA GLY A 169 4.37 27.34 -5.25
C GLY A 169 3.91 27.55 -3.83
N GLN A 170 4.10 26.52 -3.00
CA GLN A 170 3.71 26.56 -1.60
C GLN A 170 4.62 25.68 -0.77
N GLY A 171 5.70 26.25 -0.25
CA GLY A 171 6.61 25.45 0.55
C GLY A 171 6.10 25.27 1.97
N ASN A 172 5.10 26.06 2.33
CA ASN A 172 4.53 26.00 3.67
C ASN A 172 3.72 24.72 3.90
N THR A 173 3.54 23.93 2.85
CA THR A 173 2.78 22.69 2.94
C THR A 173 3.70 21.49 3.19
N GLU A 174 4.99 21.67 2.92
CA GLU A 174 5.99 20.61 3.09
C GLU A 174 5.80 19.76 4.35
N ARG A 175 5.99 18.45 4.20
CA ARG A 175 5.84 17.50 5.31
C ARG A 175 6.70 16.27 5.04
N THR A 176 7.15 15.63 6.11
CA THR A 176 7.98 14.44 5.97
C THR A 176 7.11 13.21 5.63
N VAL A 177 7.63 12.36 4.75
CA VAL A 177 6.95 11.16 4.35
C VAL A 177 7.95 10.03 4.28
N TRP A 178 7.98 9.23 5.34
CA TRP A 178 8.90 8.10 5.42
C TRP A 178 8.42 6.96 4.54
N GLN A 179 9.34 6.43 3.74
CA GLN A 179 9.04 5.35 2.81
C GLN A 179 9.83 4.08 3.14
N TYR A 180 9.21 3.16 3.86
CA TYR A 180 9.86 1.91 4.19
C TYR A 180 9.76 1.01 2.96
N HIS A 181 10.91 0.65 2.42
CA HIS A 181 10.95 -0.16 1.22
C HIS A 181 11.43 -1.59 1.50
N PHE A 182 10.51 -2.49 1.78
CA PHE A 182 10.88 -3.88 2.04
C PHE A 182 11.58 -4.36 0.77
N ARG A 183 12.75 -4.98 0.92
CA ARG A 183 13.50 -5.43 -0.24
C ARG A 183 13.78 -6.92 -0.31
N THR A 184 13.74 -7.60 0.83
CA THR A 184 14.04 -9.03 0.89
C THR A 184 13.00 -10.07 0.47
N TRP A 185 11.80 -9.63 0.07
CA TRP A 185 10.75 -10.58 -0.31
C TRP A 185 11.07 -11.34 -1.60
N PRO A 186 11.13 -12.68 -1.52
CA PRO A 186 11.43 -13.60 -2.61
C PRO A 186 10.64 -13.39 -3.89
N ASP A 187 11.30 -13.62 -5.02
CA ASP A 187 10.68 -13.46 -6.33
C ASP A 187 9.55 -14.47 -6.48
N HIS A 188 9.73 -15.62 -5.85
CA HIS A 188 8.74 -16.67 -5.92
C HIS A 188 8.29 -17.08 -4.53
N GLY A 189 6.99 -17.31 -4.39
CA GLY A 189 6.46 -17.72 -3.11
C GLY A 189 6.43 -16.61 -2.09
N VAL A 190 6.65 -16.97 -0.83
CA VAL A 190 6.64 -16.02 0.26
C VAL A 190 7.75 -16.37 1.26
N PRO A 191 8.11 -15.44 2.17
CA PRO A 191 9.15 -15.66 3.18
C PRO A 191 8.97 -16.99 3.92
N SER A 192 10.05 -17.77 4.01
CA SER A 192 10.03 -19.04 4.72
C SER A 192 9.78 -18.80 6.21
N ASP A 193 10.00 -17.56 6.65
CA ASP A 193 9.82 -17.17 8.04
C ASP A 193 9.26 -15.75 8.09
N PRO A 194 8.31 -15.48 9.00
CA PRO A 194 7.71 -14.15 9.13
C PRO A 194 8.50 -13.09 9.93
N GLY A 195 9.69 -13.46 10.42
CA GLY A 195 10.49 -12.52 11.20
C GLY A 195 10.77 -11.17 10.55
N GLY A 196 11.25 -11.21 9.32
CA GLY A 196 11.53 -9.96 8.61
C GLY A 196 10.33 -9.06 8.44
N VAL A 197 9.22 -9.66 8.04
CA VAL A 197 7.99 -8.92 7.82
C VAL A 197 7.45 -8.33 9.11
N LEU A 198 7.69 -9.00 10.23
CA LEU A 198 7.20 -8.53 11.52
C LEU A 198 8.00 -7.41 12.19
N ASP A 199 9.34 -7.47 12.09
CA ASP A 199 10.17 -6.42 12.65
C ASP A 199 9.86 -5.20 11.80
N PHE A 200 9.83 -5.43 10.49
CA PHE A 200 9.55 -4.38 9.53
C PHE A 200 8.23 -3.69 9.86
N LEU A 201 7.13 -4.44 9.82
CA LEU A 201 5.82 -3.85 10.12
C LEU A 201 5.82 -3.21 11.49
N GLU A 202 6.54 -3.81 12.44
CA GLU A 202 6.62 -3.30 13.80
C GLU A 202 7.14 -1.86 13.76
N GLU A 203 8.18 -1.64 12.96
CA GLU A 203 8.79 -0.32 12.77
C GLU A 203 7.74 0.64 12.25
N VAL A 204 7.22 0.32 11.08
CA VAL A 204 6.20 1.13 10.42
C VAL A 204 5.04 1.44 11.35
N HIS A 205 4.74 0.55 12.28
CA HIS A 205 3.63 0.82 13.18
C HIS A 205 4.00 2.00 14.07
N HIS A 206 5.08 1.85 14.82
CA HIS A 206 5.52 2.89 15.74
C HIS A 206 5.81 4.21 15.03
N LYS A 207 6.39 4.13 13.84
CA LYS A 207 6.69 5.32 13.07
C LYS A 207 5.42 6.08 12.76
N GLN A 208 4.39 5.35 12.37
CA GLN A 208 3.09 5.91 12.04
C GLN A 208 2.43 6.47 13.30
N GLU A 209 2.70 5.83 14.43
CA GLU A 209 2.12 6.25 15.70
C GLU A 209 2.68 7.55 16.26
N SER A 210 3.97 7.77 16.01
CA SER A 210 4.67 8.96 16.48
C SER A 210 4.17 10.22 15.77
N ILE A 211 3.84 10.09 14.49
CA ILE A 211 3.34 11.21 13.71
C ILE A 211 1.86 11.44 14.00
N MET A 212 1.57 12.39 14.88
CA MET A 212 0.19 12.71 15.23
C MET A 212 -0.52 13.38 14.05
N ASP A 213 -1.68 12.84 13.68
CA ASP A 213 -2.50 13.36 12.58
C ASP A 213 -2.05 12.93 11.19
N ALA A 214 -1.33 11.82 11.10
CA ALA A 214 -0.86 11.31 9.81
C ALA A 214 -2.03 10.70 9.05
N GLY A 215 -1.88 10.56 7.74
CA GLY A 215 -2.96 9.99 6.95
C GLY A 215 -2.90 8.47 6.92
N PRO A 216 -3.63 7.86 5.98
CA PRO A 216 -3.61 6.40 5.91
C PRO A 216 -2.23 5.89 5.46
N VAL A 217 -1.81 4.76 6.01
CA VAL A 217 -0.54 4.18 5.61
C VAL A 217 -0.75 3.60 4.22
N VAL A 218 0.14 3.92 3.30
CA VAL A 218 -0.01 3.41 1.94
C VAL A 218 0.83 2.16 1.87
N VAL A 219 0.40 1.18 1.08
CA VAL A 219 1.11 -0.09 0.94
C VAL A 219 0.78 -0.57 -0.47
N HIS A 220 1.80 -0.92 -1.26
CA HIS A 220 1.53 -1.35 -2.61
C HIS A 220 2.40 -2.50 -3.09
N CYS A 221 2.23 -2.86 -4.36
CA CYS A 221 2.99 -3.95 -4.98
C CYS A 221 2.55 -3.90 -6.43
N SER A 222 3.08 -4.77 -7.27
CA SER A 222 2.70 -4.75 -8.68
C SER A 222 1.25 -4.33 -8.90
N ALA A 223 0.32 -5.19 -8.48
CA ALA A 223 -1.11 -4.89 -8.67
C ALA A 223 -1.77 -4.26 -7.45
N GLY A 224 -1.12 -4.40 -6.29
CA GLY A 224 -1.69 -3.83 -5.09
C GLY A 224 -2.85 -4.60 -4.44
N ILE A 225 -2.83 -5.93 -4.54
CA ILE A 225 -3.88 -6.75 -3.92
C ILE A 225 -3.35 -8.03 -3.29
N GLY A 226 -2.39 -8.68 -3.95
CA GLY A 226 -1.82 -9.90 -3.39
C GLY A 226 -0.97 -9.63 -2.16
N ARG A 227 0.32 -9.41 -2.41
CA ARG A 227 1.29 -9.11 -1.37
C ARG A 227 0.84 -7.92 -0.55
N THR A 228 0.27 -6.92 -1.20
CA THR A 228 -0.21 -5.76 -0.47
C THR A 228 -1.25 -6.18 0.55
N GLY A 229 -2.18 -7.01 0.12
CA GLY A 229 -3.24 -7.46 1.00
C GLY A 229 -2.68 -8.30 2.13
N THR A 230 -1.62 -9.03 1.86
CA THR A 230 -1.03 -9.86 2.88
C THR A 230 -0.48 -8.99 4.00
N PHE A 231 0.10 -7.84 3.65
CA PHE A 231 0.64 -6.95 4.68
C PHE A 231 -0.47 -6.23 5.41
N ILE A 232 -1.36 -5.57 4.69
CA ILE A 232 -2.45 -4.85 5.35
C ILE A 232 -3.15 -5.75 6.35
N VAL A 233 -3.43 -6.98 5.90
CA VAL A 233 -4.10 -7.97 6.73
C VAL A 233 -3.31 -8.35 7.98
N ILE A 234 -2.07 -8.82 7.79
CA ILE A 234 -1.21 -9.17 8.93
C ILE A 234 -1.15 -7.99 9.90
N ASP A 235 -0.96 -6.80 9.37
CA ASP A 235 -0.87 -5.64 10.23
C ASP A 235 -2.17 -5.42 11.01
N ILE A 236 -3.31 -5.57 10.36
CA ILE A 236 -4.58 -5.39 11.05
C ILE A 236 -4.71 -6.32 12.25
N LEU A 237 -4.31 -7.59 12.08
CA LEU A 237 -4.40 -8.60 13.14
C LEU A 237 -3.38 -8.36 14.26
N ILE A 238 -2.17 -7.96 13.88
CA ILE A 238 -1.14 -7.69 14.88
C ILE A 238 -1.59 -6.49 15.73
N ASP A 239 -2.31 -5.54 15.12
CA ASP A 239 -2.81 -4.41 15.88
C ASP A 239 -3.82 -4.93 16.89
N ILE A 240 -4.53 -6.00 16.51
CA ILE A 240 -5.52 -6.61 17.38
C ILE A 240 -4.79 -7.21 18.57
N ILE A 241 -3.71 -7.91 18.29
CA ILE A 241 -2.91 -8.55 19.34
C ILE A 241 -2.16 -7.58 20.27
N ARG A 242 -2.08 -6.32 19.88
CA ARG A 242 -1.40 -5.33 20.71
C ARG A 242 -2.38 -4.69 21.68
N GLU A 243 -3.62 -4.56 21.23
CA GLU A 243 -4.68 -3.95 22.03
C GLU A 243 -5.35 -4.92 22.99
N LYS A 244 -5.55 -6.16 22.56
CA LYS A 244 -6.23 -7.15 23.40
C LYS A 244 -5.38 -8.20 24.08
N GLY A 245 -4.26 -8.58 23.45
CA GLY A 245 -3.42 -9.59 24.07
C GLY A 245 -3.26 -10.82 23.19
N VAL A 246 -2.56 -11.83 23.69
CA VAL A 246 -2.35 -13.06 22.94
C VAL A 246 -3.52 -14.02 23.09
N ASP A 247 -4.48 -13.64 23.91
CA ASP A 247 -5.67 -14.44 24.18
C ASP A 247 -6.84 -14.21 23.23
N CYS A 248 -7.05 -12.99 22.74
CA CYS A 248 -8.18 -12.61 21.88
C CYS A 248 -8.30 -13.52 20.66
N ASP A 249 -9.45 -13.45 20.11
CA ASP A 249 -9.78 -14.31 18.98
C ASP A 249 -9.46 -13.67 17.66
N ILE A 250 -8.74 -14.39 16.80
CA ILE A 250 -8.36 -13.91 15.48
C ILE A 250 -9.15 -14.72 14.45
N ASP A 251 -9.86 -14.02 13.55
CA ASP A 251 -10.64 -14.66 12.51
C ASP A 251 -10.02 -14.22 11.19
N VAL A 252 -9.02 -14.94 10.71
CA VAL A 252 -8.39 -14.55 9.46
C VAL A 252 -9.41 -14.44 8.35
N PRO A 253 -10.17 -15.51 8.08
CA PRO A 253 -11.18 -15.48 7.01
C PRO A 253 -12.23 -14.37 7.07
N LYS A 254 -12.61 -13.93 8.27
CA LYS A 254 -13.61 -12.87 8.38
C LYS A 254 -12.97 -11.53 8.12
N THR A 255 -11.66 -11.48 8.34
CA THR A 255 -10.90 -10.26 8.14
C THR A 255 -10.64 -10.06 6.65
N ILE A 256 -10.29 -11.13 5.95
CA ILE A 256 -10.04 -11.03 4.52
C ILE A 256 -11.27 -10.57 3.80
N GLN A 257 -12.44 -11.09 4.20
CA GLN A 257 -13.71 -10.71 3.59
C GLN A 257 -13.93 -9.22 3.87
N MET A 258 -13.58 -8.85 5.09
CA MET A 258 -13.72 -7.47 5.54
C MET A 258 -12.96 -6.48 4.64
N VAL A 259 -11.74 -6.80 4.24
CA VAL A 259 -10.99 -5.90 3.39
C VAL A 259 -11.37 -6.07 1.93
N ARG A 260 -11.65 -7.30 1.52
CA ARG A 260 -12.04 -7.54 0.14
C ARG A 260 -13.34 -6.78 -0.21
N SER A 261 -14.08 -6.36 0.79
CA SER A 261 -15.31 -5.60 0.56
C SER A 261 -14.97 -4.16 0.24
N GLN A 262 -13.70 -3.81 0.44
CA GLN A 262 -13.22 -2.45 0.19
C GLN A 262 -12.28 -2.47 -1.03
N ARG A 263 -11.68 -3.63 -1.28
CA ARG A 263 -10.81 -3.80 -2.43
C ARG A 263 -10.75 -5.31 -2.72
N SER A 264 -11.19 -5.68 -3.92
CA SER A 264 -11.24 -7.06 -4.35
C SER A 264 -9.93 -7.76 -4.62
N GLY A 265 -9.87 -9.05 -4.29
CA GLY A 265 -8.68 -9.84 -4.53
C GLY A 265 -7.64 -9.84 -3.43
N MET A 266 -7.85 -9.04 -2.38
CA MET A 266 -6.89 -8.99 -1.28
C MET A 266 -6.43 -10.38 -0.86
N VAL A 267 -5.16 -10.69 -1.15
CA VAL A 267 -4.54 -11.99 -0.87
C VAL A 267 -4.96 -12.94 -1.99
N GLN A 268 -4.05 -13.23 -2.91
CA GLN A 268 -4.37 -14.08 -4.06
C GLN A 268 -3.84 -15.49 -4.03
N THR A 269 -3.14 -15.90 -2.99
CA THR A 269 -2.66 -17.28 -3.01
C THR A 269 -2.85 -17.96 -1.66
N GLU A 270 -2.71 -19.28 -1.63
CA GLU A 270 -2.87 -20.00 -0.38
C GLU A 270 -1.61 -19.78 0.46
N ALA A 271 -0.45 -19.78 -0.20
CA ALA A 271 0.84 -19.56 0.46
C ALA A 271 0.83 -18.21 1.18
N GLN A 272 0.29 -17.19 0.52
CA GLN A 272 0.21 -15.89 1.16
C GLN A 272 -0.79 -16.00 2.29
N TYR A 273 -1.75 -16.91 2.16
CA TYR A 273 -2.79 -17.11 3.18
C TYR A 273 -2.19 -17.78 4.41
N ARG A 274 -1.43 -18.84 4.18
CA ARG A 274 -0.79 -19.56 5.27
C ARG A 274 0.19 -18.66 5.99
N PHE A 275 0.79 -17.72 5.25
CA PHE A 275 1.78 -16.81 5.83
C PHE A 275 1.13 -15.95 6.89
N ILE A 276 -0.04 -15.40 6.57
CA ILE A 276 -0.74 -14.56 7.51
C ILE A 276 -0.91 -15.30 8.83
N TYR A 277 -1.07 -16.62 8.74
CA TYR A 277 -1.23 -17.46 9.93
C TYR A 277 0.08 -17.64 10.66
N MET A 278 1.12 -18.06 9.94
CA MET A 278 2.44 -18.22 10.52
C MET A 278 2.92 -16.86 11.06
N ALA A 279 2.55 -15.80 10.35
CA ALA A 279 2.91 -14.44 10.74
C ALA A 279 2.34 -14.08 12.10
N VAL A 280 1.01 -14.19 12.22
CA VAL A 280 0.29 -13.87 13.45
C VAL A 280 0.74 -14.69 14.65
N GLN A 281 0.90 -16.00 14.45
CA GLN A 281 1.31 -16.86 15.54
C GLN A 281 2.67 -16.39 16.04
N HIS A 282 3.65 -16.42 15.14
CA HIS A 282 5.01 -16.00 15.45
C HIS A 282 4.96 -14.74 16.29
N TYR A 283 4.27 -13.72 15.80
CA TYR A 283 4.19 -12.51 16.57
C TYR A 283 3.78 -12.81 18.03
N ILE A 284 2.71 -13.59 18.20
CA ILE A 284 2.25 -13.96 19.55
C ILE A 284 3.35 -14.64 20.37
N GLU A 285 4.14 -15.47 19.71
CA GLU A 285 5.25 -16.19 20.32
C GLU A 285 6.19 -15.15 20.90
N THR A 286 6.57 -14.20 20.07
CA THR A 286 7.45 -13.10 20.46
C THR A 286 6.96 -12.47 21.76
N LEU A 287 5.78 -11.86 21.70
CA LEU A 287 5.18 -11.23 22.87
C LEU A 287 5.61 -11.89 24.19
O2 2WT B . 0.61 -8.07 -6.35
C11 2WT B . 0.51 -14.55 -10.37
C12 2WT B . 1.45 -14.76 -11.39
C13 2WT B . 1.29 -15.61 -12.46
C27 2WT B . 7.25 -16.90 -18.35
C14 2WT B . 0.09 -16.31 -12.52
C17 2WT B . 3.48 -15.88 -13.79
C16 2WT B . -0.66 -15.27 -10.50
C18 2WT B . 4.35 -17.07 -13.38
C20 2WT B . 6.09 -18.70 -14.37
C21 2WT B . 7.71 -18.13 -16.20
C26 2WT B . 6.99 -15.73 -19.04
C25 2WT B . 6.92 -14.52 -18.38
C24 2WT B . 7.09 -14.45 -17.02
C23 2WT B . 7.35 -15.61 -16.33
C22 2WT B . 7.42 -16.85 -16.97
C19 2WT B . 4.73 -18.02 -14.54
C15 2WT B . -0.87 -16.14 -11.55
C28 2WT B . 6.57 -14.17 -20.48
N2 2WT B . 2.14 -15.89 -13.49
C7 2WT B . 1.28 -9.09 -5.72
C8 2WT B . 0.40 -12.33 -9.21
C9 2WT B . 0.77 -13.66 -9.34
C10 2WT B . 2.08 -15.17 -7.82
O4 2WT B . 3.93 -14.94 -14.39
C6 2WT B . 1.55 -12.88 -7.43
O1 2WT B . 2.69 -11.27 -4.38
N1 2WT B . 1.43 -13.88 -8.22
C5 2WT B . 0.87 -11.85 -8.05
C1 2WT B . 2.14 -12.65 -6.20
C2 2WT B . 2.07 -11.40 -5.59
C3 2WT B . 1.39 -10.36 -6.24
C4 2WT B . 0.80 -10.61 -7.46
N3 2WT B . 7.16 -17.98 -14.84
O3 2WT B . 1.74 -8.75 -4.66
O5 2WT B . 6.21 -19.80 -13.85
O6 2WT B . 6.81 -15.58 -20.25
O7 2WT B . 6.67 -13.60 -19.17
I 2WT B . -0.74 -10.91 -10.44
#